data_3BYS
#
_entry.id   3BYS
#
_cell.length_a   44.00
_cell.length_b   73.70
_cell.length_c   101.47
_cell.angle_alpha   90
_cell.angle_beta   90
_cell.angle_gamma   90
#
_symmetry.space_group_name_H-M   'P 21 21 21'
#
loop_
_entity.id
_entity.type
_entity.pdbx_description
1 polymer 'Proto-oncogene tyrosine-protein kinase LCK'
2 non-polymer 4-methyl-N~3~-(2-{[4-(4-methylpiperazin-1-yl)phenyl]amino}pyrimidin-5-yl)-N~1~-[3-(trifluoromethyl)phenyl]benzene-1,3-dicarboxamide
3 water water
#
_entity_poly.entity_id   1
_entity_poly.type   'polypeptide(L)'
_entity_poly.pdbx_seq_one_letter_code
;QTQKPQKPWWEDEWEVPRETLKLVERLGAGQFGEVWMGYYNGHTKVAVKSLKQGSMSPDAFLAEANLMKQLQHQRLVRLY
AVVTQEPIYIITEYMENGSLVDFLKTPSGIKLTINKLLDMAAQIAEGMAFIEERNYIHRDLRAANILVSDTLSCKIADFG
LARLIEDNEYTAREGAKFPIKWTAPEAINYGTFTIKSDVWSFGILLTEIVTHGRIPYPGMTNPEVIQNLERGYRMVRPDN
CPEELYQLMRLCWKERPEDRPTFDYLRSVLEDFFTAT
;
_entity_poly.pdbx_strand_id   A
#
loop_
_chem_comp.id
_chem_comp.type
_chem_comp.name
_chem_comp.formula
AM5 non-polymer 4-methyl-N~3~-(2-{[4-(4-methylpiperazin-1-yl)phenyl]amino}pyrimidin-5-yl)-N~1~-[3-(trifluoromethyl)phenyl]benzene-1,3-dicarboxamide 'C31 H30 F3 N7 O2'
#
# COMPACT_ATOMS: atom_id res chain seq x y z
N GLN A 6 -20.28 -29.40 -2.21
CA GLN A 6 -20.92 -28.90 -3.46
C GLN A 6 -21.72 -27.68 -3.05
N LYS A 7 -21.11 -26.53 -3.28
CA LYS A 7 -21.74 -25.27 -2.93
C LYS A 7 -22.65 -24.85 -4.08
N PRO A 8 -23.61 -23.95 -3.82
CA PRO A 8 -24.55 -23.47 -4.85
C PRO A 8 -23.80 -22.58 -5.82
N TRP A 9 -24.20 -22.58 -7.10
CA TRP A 9 -23.52 -21.77 -8.11
C TRP A 9 -23.56 -20.26 -7.85
N TRP A 10 -24.55 -19.78 -7.12
CA TRP A 10 -24.67 -18.35 -6.88
C TRP A 10 -23.83 -17.86 -5.72
N GLU A 11 -22.98 -18.73 -5.20
CA GLU A 11 -22.08 -18.34 -4.10
C GLU A 11 -20.62 -18.60 -4.47
N ASP A 12 -19.75 -17.76 -3.94
CA ASP A 12 -18.32 -17.85 -4.18
C ASP A 12 -17.72 -18.92 -3.29
N GLU A 13 -16.58 -19.45 -3.71
CA GLU A 13 -15.89 -20.48 -2.94
C GLU A 13 -15.53 -19.90 -1.59
N TRP A 14 -15.32 -18.59 -1.56
CA TRP A 14 -14.95 -17.87 -0.34
C TRP A 14 -16.13 -17.20 0.36
N GLU A 15 -17.34 -17.67 0.07
CA GLU A 15 -18.53 -17.10 0.66
C GLU A 15 -18.65 -17.40 2.16
N VAL A 16 -19.37 -16.53 2.85
CA VAL A 16 -19.70 -16.67 4.26
C VAL A 16 -21.04 -15.96 4.39
N PRO A 17 -21.90 -16.44 5.29
CA PRO A 17 -23.20 -15.78 5.46
C PRO A 17 -22.99 -14.40 6.03
N ARG A 18 -23.81 -13.44 5.61
CA ARG A 18 -23.67 -12.08 6.11
C ARG A 18 -23.90 -12.07 7.62
N GLU A 19 -24.74 -12.99 8.08
CA GLU A 19 -25.05 -13.12 9.51
C GLU A 19 -23.85 -13.36 10.43
N THR A 20 -22.72 -13.79 9.89
CA THR A 20 -21.53 -14.06 10.72
C THR A 20 -20.73 -12.79 10.95
N LEU A 21 -21.17 -11.71 10.31
CA LEU A 21 -20.50 -10.43 10.40
C LEU A 21 -21.29 -9.36 11.09
N LYS A 22 -20.59 -8.52 11.85
CA LYS A 22 -21.25 -7.40 12.49
C LYS A 22 -20.37 -6.19 12.29
N LEU A 23 -20.88 -5.22 11.53
CA LEU A 23 -20.17 -3.99 11.25
C LEU A 23 -20.32 -3.05 12.42
N VAL A 24 -19.18 -2.61 12.96
CA VAL A 24 -19.21 -1.75 14.12
C VAL A 24 -18.73 -0.32 13.93
N GLU A 25 -17.68 -0.14 13.15
CA GLU A 25 -17.15 1.20 12.98
C GLU A 25 -16.73 1.57 11.56
N ARG A 26 -17.27 2.68 11.05
CA ARG A 26 -16.91 3.11 9.71
C ARG A 26 -15.48 3.62 9.69
N LEU A 27 -14.62 2.99 8.90
CA LEU A 27 -13.23 3.43 8.82
C LEU A 27 -13.06 4.45 7.70
N GLY A 28 -13.94 4.35 6.71
CA GLY A 28 -13.89 5.26 5.58
C GLY A 28 -15.09 5.00 4.69
N ALA A 29 -15.54 6.01 3.97
CA ALA A 29 -16.69 5.88 3.08
C ALA A 29 -16.43 6.62 1.75
N GLY A 30 -17.49 6.82 0.96
CA GLY A 30 -17.34 7.53 -0.30
C GLY A 30 -17.92 6.93 -1.57
N GLN A 31 -17.18 7.17 -2.65
CA GLN A 31 -17.48 6.73 -4.03
C GLN A 31 -18.22 5.42 -4.30
N PHE A 32 -17.44 4.34 -4.41
CA PHE A 32 -17.94 3.00 -4.68
C PHE A 32 -18.39 2.18 -3.46
N GLY A 33 -18.53 2.84 -2.31
CA GLY A 33 -18.97 2.15 -1.10
C GLY A 33 -18.23 2.58 0.15
N GLU A 34 -18.13 1.69 1.14
CA GLU A 34 -17.45 2.02 2.40
C GLU A 34 -16.55 0.89 2.97
N VAL A 35 -15.83 1.23 4.03
CA VAL A 35 -14.96 0.27 4.73
C VAL A 35 -15.33 0.37 6.20
N TRP A 36 -15.55 -0.77 6.83
CA TRP A 36 -15.94 -0.85 8.23
C TRP A 36 -15.09 -1.84 9.02
N MET A 37 -14.90 -1.54 10.30
CA MET A 37 -14.19 -2.46 11.17
C MET A 37 -15.35 -3.20 11.80
N GLY A 38 -15.24 -4.52 11.88
CA GLY A 38 -16.32 -5.28 12.47
C GLY A 38 -15.84 -6.59 13.07
N TYR A 39 -16.80 -7.47 13.35
CA TYR A 39 -16.48 -8.77 13.93
C TYR A 39 -17.09 -9.93 13.16
N TYR A 40 -16.33 -11.02 13.11
CA TYR A 40 -16.75 -12.24 12.45
C TYR A 40 -16.99 -13.27 13.55
N ASN A 41 -18.22 -13.77 13.63
CA ASN A 41 -18.59 -14.73 14.66
C ASN A 41 -18.19 -14.21 16.04
N GLY A 42 -18.38 -12.92 16.23
CA GLY A 42 -18.10 -12.28 17.51
C GLY A 42 -16.69 -12.06 18.04
N HIS A 43 -15.83 -13.07 17.99
CA HIS A 43 -14.48 -12.93 18.55
C HIS A 43 -13.39 -12.44 17.62
N THR A 44 -13.64 -12.49 16.32
CA THR A 44 -12.61 -12.11 15.37
C THR A 44 -12.81 -10.79 14.65
N LYS A 45 -11.90 -9.85 14.91
CA LYS A 45 -11.91 -8.53 14.29
C LYS A 45 -11.63 -8.63 12.79
N VAL A 46 -12.44 -7.96 11.98
CA VAL A 46 -12.24 -8.00 10.53
C VAL A 46 -12.43 -6.61 9.91
N ALA A 47 -12.04 -6.49 8.64
CA ALA A 47 -12.21 -5.25 7.90
C ALA A 47 -13.19 -5.57 6.78
N VAL A 48 -14.14 -4.68 6.53
CA VAL A 48 -15.14 -4.96 5.51
C VAL A 48 -15.37 -3.85 4.48
N LYS A 49 -15.16 -4.16 3.22
CA LYS A 49 -15.39 -3.22 2.12
C LYS A 49 -16.75 -3.56 1.53
N SER A 50 -17.69 -2.62 1.59
CA SER A 50 -19.02 -2.86 1.04
C SER A 50 -19.22 -2.05 -0.23
N LEU A 51 -19.79 -2.67 -1.26
CA LEU A 51 -20.03 -2.01 -2.55
C LEU A 51 -21.28 -1.13 -2.53
N LYS A 52 -21.15 0.09 -3.06
CA LYS A 52 -22.29 0.98 -3.10
C LYS A 52 -23.10 0.58 -4.32
N GLN A 53 -24.30 0.05 -4.08
CA GLN A 53 -25.14 -0.41 -5.17
C GLN A 53 -25.14 0.58 -6.34
N GLY A 54 -25.00 0.04 -7.55
CA GLY A 54 -25.03 0.87 -8.74
C GLY A 54 -23.82 1.73 -9.02
N SER A 55 -22.95 1.88 -8.02
CA SER A 55 -21.75 2.69 -8.14
C SER A 55 -20.81 2.04 -9.15
N MET A 56 -20.86 0.72 -9.20
CA MET A 56 -20.03 -0.03 -10.12
C MET A 56 -20.55 -1.46 -10.16
N SER A 57 -20.14 -2.19 -11.18
CA SER A 57 -20.57 -3.57 -11.40
C SER A 57 -20.10 -4.55 -10.33
N PRO A 58 -21.01 -5.42 -9.85
CA PRO A 58 -20.67 -6.41 -8.82
C PRO A 58 -19.45 -7.21 -9.24
N ASP A 59 -19.41 -7.64 -10.50
CA ASP A 59 -18.27 -8.42 -11.00
C ASP A 59 -16.99 -7.59 -10.91
N ALA A 60 -17.11 -6.32 -11.28
CA ALA A 60 -16.02 -5.37 -11.27
C ALA A 60 -15.52 -5.24 -9.84
N PHE A 61 -16.45 -5.17 -8.91
CA PHE A 61 -16.13 -5.05 -7.50
C PHE A 61 -15.37 -6.29 -7.05
N LEU A 62 -16.02 -7.43 -7.25
CA LEU A 62 -15.49 -8.72 -6.83
C LEU A 62 -14.18 -9.16 -7.51
N ALA A 63 -13.84 -8.55 -8.63
CA ALA A 63 -12.59 -8.89 -9.33
C ALA A 63 -11.41 -8.67 -8.38
N GLU A 64 -11.52 -7.68 -7.51
CA GLU A 64 -10.45 -7.37 -6.56
C GLU A 64 -10.12 -8.55 -5.64
N ALA A 65 -11.17 -9.17 -5.11
CA ALA A 65 -11.00 -10.31 -4.21
C ALA A 65 -10.34 -11.47 -4.96
N ASN A 66 -10.82 -11.74 -6.16
CA ASN A 66 -10.26 -12.82 -6.97
C ASN A 66 -8.77 -12.60 -7.15
N LEU A 67 -8.42 -11.34 -7.35
CA LEU A 67 -7.01 -10.95 -7.50
C LEU A 67 -6.27 -11.26 -6.18
N MET A 68 -6.89 -10.98 -5.03
CA MET A 68 -6.26 -11.21 -3.71
C MET A 68 -6.14 -12.69 -3.38
N LYS A 69 -6.95 -13.51 -4.04
CA LYS A 69 -6.93 -14.94 -3.83
C LYS A 69 -5.60 -15.52 -4.29
N GLN A 70 -5.05 -14.90 -5.33
CA GLN A 70 -3.79 -15.35 -5.90
C GLN A 70 -2.60 -14.57 -5.34
N LEU A 71 -2.85 -13.73 -4.33
CA LEU A 71 -1.79 -12.93 -3.73
C LEU A 71 -1.72 -13.00 -2.19
N GLN A 72 -1.66 -14.21 -1.66
CA GLN A 72 -1.62 -14.36 -0.21
C GLN A 72 -0.20 -14.41 0.28
N HIS A 73 0.10 -13.55 1.25
CA HIS A 73 1.43 -13.48 1.82
C HIS A 73 1.35 -12.70 3.13
N GLN A 74 2.22 -13.04 4.09
CA GLN A 74 2.23 -12.36 5.39
C GLN A 74 2.48 -10.86 5.32
N ARG A 75 3.10 -10.40 4.24
CA ARG A 75 3.38 -8.97 4.10
C ARG A 75 2.31 -8.25 3.29
N LEU A 76 1.22 -8.94 3.00
CA LEU A 76 0.10 -8.35 2.27
C LEU A 76 -1.20 -8.60 3.03
N VAL A 77 -2.15 -7.68 2.92
CA VAL A 77 -3.45 -7.82 3.59
C VAL A 77 -4.07 -9.11 3.13
N ARG A 78 -4.47 -9.95 4.08
CA ARG A 78 -5.07 -11.23 3.77
C ARG A 78 -6.58 -11.19 3.53
N LEU A 79 -7.01 -11.78 2.42
CA LEU A 79 -8.43 -11.86 2.11
C LEU A 79 -9.02 -12.92 3.03
N TYR A 80 -10.19 -12.61 3.58
CA TYR A 80 -10.88 -13.53 4.49
C TYR A 80 -12.06 -14.21 3.78
N ALA A 81 -12.95 -13.40 3.19
CA ALA A 81 -14.14 -13.92 2.53
C ALA A 81 -14.86 -12.84 1.73
N VAL A 82 -16.01 -13.22 1.19
CA VAL A 82 -16.86 -12.30 0.44
C VAL A 82 -18.34 -12.66 0.65
N VAL A 83 -19.22 -11.71 0.36
CA VAL A 83 -20.66 -11.90 0.43
C VAL A 83 -21.09 -11.39 -0.95
N THR A 84 -21.53 -12.30 -1.80
CA THR A 84 -21.90 -11.94 -3.18
C THR A 84 -23.36 -11.65 -3.52
N GLN A 85 -24.12 -11.17 -2.54
CA GLN A 85 -25.51 -10.79 -2.74
C GLN A 85 -25.56 -9.37 -2.19
N GLU A 86 -26.09 -8.43 -2.96
CA GLU A 86 -26.17 -7.02 -2.55
C GLU A 86 -26.74 -6.78 -1.16
N PRO A 87 -26.05 -5.97 -0.34
CA PRO A 87 -24.79 -5.30 -0.71
C PRO A 87 -23.61 -6.25 -0.68
N ILE A 88 -22.77 -6.18 -1.71
CA ILE A 88 -21.60 -7.03 -1.83
C ILE A 88 -20.50 -6.60 -0.85
N TYR A 89 -19.88 -7.58 -0.19
CA TYR A 89 -18.81 -7.32 0.76
C TYR A 89 -17.51 -8.04 0.40
N ILE A 90 -16.41 -7.49 0.88
CA ILE A 90 -15.10 -8.11 0.73
C ILE A 90 -14.54 -8.02 2.14
N ILE A 91 -14.18 -9.16 2.73
CA ILE A 91 -13.68 -9.16 4.10
C ILE A 91 -12.21 -9.56 4.22
N THR A 92 -11.44 -8.75 4.95
CA THR A 92 -10.03 -9.03 5.15
C THR A 92 -9.64 -8.95 6.61
N GLU A 93 -8.39 -9.32 6.91
CA GLU A 93 -7.88 -9.23 8.27
C GLU A 93 -7.90 -7.75 8.64
N TYR A 94 -7.94 -7.47 9.95
CA TYR A 94 -7.97 -6.09 10.43
C TYR A 94 -6.60 -5.69 11.05
N MET A 95 -6.01 -4.61 10.54
CA MET A 95 -4.74 -4.13 11.07
C MET A 95 -5.08 -3.01 12.04
N GLU A 96 -4.78 -3.22 13.31
CA GLU A 96 -5.06 -2.29 14.40
C GLU A 96 -4.58 -0.82 14.27
N ASN A 97 -3.32 -0.62 13.92
CA ASN A 97 -2.78 0.74 13.85
C ASN A 97 -3.06 1.57 12.61
N GLY A 98 -3.98 1.12 11.77
CA GLY A 98 -4.34 1.86 10.57
C GLY A 98 -3.30 2.00 9.46
N SER A 99 -3.40 3.12 8.73
CA SER A 99 -2.48 3.41 7.64
C SER A 99 -1.18 3.99 8.18
N LEU A 100 -0.09 3.63 7.51
CA LEU A 100 1.24 4.08 7.90
C LEU A 100 1.34 5.61 7.96
N VAL A 101 0.67 6.27 7.03
CA VAL A 101 0.69 7.72 6.93
C VAL A 101 0.08 8.34 8.19
N ASP A 102 -0.98 7.75 8.71
CA ASP A 102 -1.59 8.28 9.92
C ASP A 102 -0.80 7.86 11.15
N PHE A 103 -0.34 6.61 11.16
CA PHE A 103 0.39 6.10 12.32
C PHE A 103 1.67 6.88 12.64
N LEU A 104 2.41 7.27 11.60
CA LEU A 104 3.66 8.02 11.79
C LEU A 104 3.46 9.38 12.44
N LYS A 105 2.21 9.80 12.59
CA LYS A 105 1.92 11.08 13.21
C LYS A 105 1.30 10.95 14.60
N THR A 106 1.11 9.71 15.06
CA THR A 106 0.56 9.50 16.39
C THR A 106 1.70 9.71 17.39
N PRO A 107 1.40 9.81 18.69
CA PRO A 107 2.48 10.02 19.66
C PRO A 107 3.53 8.93 19.60
N SER A 108 3.12 7.74 19.18
CA SER A 108 4.01 6.58 19.05
C SER A 108 4.88 6.75 17.81
N GLY A 109 4.20 6.80 16.66
CA GLY A 109 4.85 6.95 15.38
C GLY A 109 5.90 8.05 15.31
N ILE A 110 5.55 9.22 15.85
CA ILE A 110 6.46 10.37 15.87
C ILE A 110 7.76 9.98 16.53
N LYS A 111 7.67 9.13 17.55
CA LYS A 111 8.83 8.69 18.32
C LYS A 111 9.61 7.52 17.76
N LEU A 112 9.22 7.02 16.59
CA LEU A 112 9.95 5.89 16.03
C LEU A 112 11.37 6.29 15.60
N THR A 113 12.35 5.48 15.96
CA THR A 113 13.76 5.73 15.61
C THR A 113 14.02 5.42 14.13
N ILE A 114 15.15 5.91 13.60
CA ILE A 114 15.50 5.67 12.20
C ILE A 114 15.67 4.16 12.00
N ASN A 115 16.04 3.47 13.06
CA ASN A 115 16.22 2.03 12.98
C ASN A 115 14.90 1.30 12.72
N LYS A 116 13.85 1.75 13.40
CA LYS A 116 12.53 1.16 13.27
C LYS A 116 11.97 1.51 11.89
N LEU A 117 12.20 2.73 11.45
CA LEU A 117 11.71 3.15 10.15
C LEU A 117 12.36 2.32 9.02
N LEU A 118 13.66 2.11 9.14
CA LEU A 118 14.36 1.31 8.14
C LEU A 118 13.79 -0.11 8.14
N ASP A 119 13.50 -0.62 9.32
CA ASP A 119 12.92 -1.95 9.48
C ASP A 119 11.65 -2.02 8.59
N MET A 120 10.65 -1.22 8.95
CA MET A 120 9.38 -1.15 8.21
C MET A 120 9.55 -0.98 6.70
N ALA A 121 10.55 -0.19 6.29
CA ALA A 121 10.83 0.03 4.86
C ALA A 121 11.19 -1.28 4.17
N ALA A 122 12.02 -2.06 4.85
CA ALA A 122 12.45 -3.35 4.34
C ALA A 122 11.23 -4.25 4.28
N GLN A 123 10.43 -4.23 5.34
CA GLN A 123 9.22 -5.04 5.41
C GLN A 123 8.34 -4.82 4.17
N ILE A 124 8.14 -3.55 3.82
CA ILE A 124 7.34 -3.18 2.65
C ILE A 124 8.06 -3.67 1.39
N ALA A 125 9.37 -3.49 1.36
CA ALA A 125 10.16 -3.95 0.24
C ALA A 125 9.97 -5.46 0.10
N GLU A 126 9.85 -6.15 1.23
CA GLU A 126 9.66 -7.61 1.25
C GLU A 126 8.34 -7.97 0.57
N GLY A 127 7.27 -7.25 0.93
CA GLY A 127 5.98 -7.50 0.33
C GLY A 127 5.98 -7.19 -1.15
N MET A 128 6.71 -6.15 -1.55
CA MET A 128 6.78 -5.81 -2.97
C MET A 128 7.56 -6.87 -3.73
N ALA A 129 8.55 -7.50 -3.07
CA ALA A 129 9.34 -8.56 -3.69
C ALA A 129 8.42 -9.73 -4.04
N PHE A 130 7.48 -10.04 -3.15
CA PHE A 130 6.51 -11.10 -3.40
C PHE A 130 5.70 -10.68 -4.62
N ILE A 131 5.13 -9.49 -4.54
CA ILE A 131 4.35 -8.96 -5.64
C ILE A 131 5.15 -9.04 -6.94
N GLU A 132 6.43 -8.71 -6.86
CA GLU A 132 7.33 -8.76 -8.01
C GLU A 132 7.44 -10.19 -8.56
N GLU A 133 7.68 -11.15 -7.67
CA GLU A 133 7.82 -12.54 -8.07
C GLU A 133 6.53 -13.11 -8.71
N ARG A 134 5.38 -12.55 -8.36
CA ARG A 134 4.12 -13.07 -8.93
C ARG A 134 3.73 -12.38 -10.22
N ASN A 135 4.54 -11.42 -10.66
CA ASN A 135 4.29 -10.68 -11.89
C ASN A 135 3.05 -9.81 -11.76
N TYR A 136 2.85 -9.28 -10.57
CA TYR A 136 1.72 -8.40 -10.35
C TYR A 136 2.26 -6.98 -10.35
N ILE A 137 1.37 -5.99 -10.42
CA ILE A 137 1.77 -4.60 -10.42
C ILE A 137 0.82 -3.83 -9.50
N HIS A 138 1.37 -3.26 -8.42
CA HIS A 138 0.55 -2.55 -7.45
C HIS A 138 -0.14 -1.30 -8.02
N ARG A 139 0.61 -0.47 -8.74
CA ARG A 139 0.07 0.74 -9.36
C ARG A 139 -0.11 1.96 -8.45
N ASP A 140 -0.22 1.75 -7.14
CA ASP A 140 -0.42 2.88 -6.23
C ASP A 140 0.30 2.70 -4.92
N LEU A 141 1.56 2.29 -4.98
CA LEU A 141 2.35 2.06 -3.78
C LEU A 141 2.68 3.36 -3.07
N ARG A 142 2.11 3.55 -1.89
CA ARG A 142 2.38 4.75 -1.08
C ARG A 142 1.95 4.52 0.39
N ALA A 143 2.45 5.37 1.29
CA ALA A 143 2.17 5.21 2.71
C ALA A 143 0.70 5.14 3.07
N ALA A 144 -0.14 5.69 2.21
CA ALA A 144 -1.58 5.67 2.42
C ALA A 144 -2.16 4.28 2.17
N ASN A 145 -1.42 3.44 1.44
CA ASN A 145 -1.86 2.09 1.15
C ASN A 145 -1.07 1.03 1.92
N ILE A 146 -0.43 1.46 3.01
CA ILE A 146 0.32 0.55 3.85
C ILE A 146 -0.39 0.48 5.19
N LEU A 147 -0.58 -0.73 5.70
CA LEU A 147 -1.24 -0.92 6.99
C LEU A 147 -0.23 -1.35 8.05
N VAL A 148 -0.45 -0.91 9.28
CA VAL A 148 0.43 -1.22 10.40
C VAL A 148 -0.34 -2.08 11.42
N SER A 149 0.30 -3.14 11.90
CA SER A 149 -0.34 -4.03 12.88
C SER A 149 0.00 -3.56 14.27
N ASP A 150 -0.63 -4.16 15.28
CA ASP A 150 -0.41 -3.77 16.66
C ASP A 150 1.02 -4.08 17.12
N THR A 151 1.72 -4.98 16.42
CA THR A 151 3.10 -5.32 16.77
C THR A 151 4.04 -4.51 15.90
N LEU A 152 3.52 -3.46 15.28
CA LEU A 152 4.29 -2.59 14.42
C LEU A 152 4.96 -3.29 13.22
N SER A 153 4.19 -4.13 12.54
CA SER A 153 4.67 -4.81 11.34
C SER A 153 3.84 -4.17 10.22
N CYS A 154 4.31 -4.26 8.98
CA CYS A 154 3.56 -3.64 7.89
C CYS A 154 2.99 -4.62 6.88
N LYS A 155 1.94 -4.19 6.19
CA LYS A 155 1.30 -4.99 5.16
C LYS A 155 0.83 -4.12 4.02
N ILE A 156 1.12 -4.55 2.80
CA ILE A 156 0.74 -3.82 1.59
C ILE A 156 -0.76 -3.99 1.39
N ALA A 157 -1.42 -2.90 1.01
CA ALA A 157 -2.84 -2.94 0.76
C ALA A 157 -3.14 -2.03 -0.43
N ASP A 158 -4.41 -1.91 -0.76
CA ASP A 158 -4.80 -1.06 -1.86
C ASP A 158 -6.25 -0.71 -1.67
N PHE A 159 -6.50 0.54 -1.28
CA PHE A 159 -7.86 1.02 -1.02
C PHE A 159 -8.56 1.62 -2.23
N GLY A 160 -7.97 1.47 -3.42
CA GLY A 160 -8.59 2.01 -4.62
C GLY A 160 -8.94 3.49 -4.48
N LEU A 161 -7.90 4.31 -4.44
CA LEU A 161 -8.08 5.72 -4.28
C LEU A 161 -7.41 6.48 -5.42
N PRO A 179 -2.04 10.95 -9.14
CA PRO A 179 -1.79 12.25 -8.52
C PRO A 179 -0.34 12.70 -8.59
N ILE A 180 0.30 12.36 -9.70
CA ILE A 180 1.67 12.75 -10.00
C ILE A 180 2.82 12.45 -9.01
N LYS A 181 2.81 13.09 -7.85
CA LYS A 181 3.92 12.92 -6.90
C LYS A 181 4.52 11.55 -6.60
N TRP A 182 3.79 10.47 -6.87
CA TRP A 182 4.33 9.14 -6.61
C TRP A 182 4.49 8.39 -7.92
N THR A 183 3.96 8.98 -8.98
CA THR A 183 3.96 8.35 -10.29
C THR A 183 5.20 8.68 -11.10
N ALA A 184 5.82 7.64 -11.65
CA ALA A 184 7.02 7.77 -12.46
C ALA A 184 6.67 8.38 -13.81
N PRO A 185 7.63 9.12 -14.42
CA PRO A 185 7.49 9.80 -15.70
C PRO A 185 6.84 9.01 -16.85
N GLU A 186 7.35 7.82 -17.14
CA GLU A 186 6.80 7.03 -18.24
C GLU A 186 5.34 6.64 -17.96
N ALA A 187 4.98 6.52 -16.69
CA ALA A 187 3.61 6.16 -16.35
C ALA A 187 2.76 7.39 -16.58
N ILE A 188 3.20 8.53 -16.06
CA ILE A 188 2.46 9.77 -16.23
C ILE A 188 2.27 10.07 -17.73
N ASN A 189 3.37 10.00 -18.47
CA ASN A 189 3.36 10.31 -19.89
C ASN A 189 2.87 9.25 -20.88
N TYR A 190 2.96 7.97 -20.52
CA TYR A 190 2.52 6.92 -21.43
C TYR A 190 1.50 5.98 -20.84
N GLY A 191 1.14 6.17 -19.57
CA GLY A 191 0.19 5.29 -18.94
C GLY A 191 0.76 3.88 -18.81
N THR A 192 2.08 3.77 -18.90
CA THR A 192 2.74 2.47 -18.79
C THR A 192 3.18 2.15 -17.35
N PHE A 193 2.39 1.32 -16.67
CA PHE A 193 2.70 0.92 -15.30
C PHE A 193 3.32 -0.47 -15.28
N THR A 194 4.39 -0.60 -14.52
CA THR A 194 5.11 -1.87 -14.40
C THR A 194 5.62 -1.94 -12.96
N ILE A 195 6.36 -3.01 -12.66
CA ILE A 195 6.89 -3.15 -11.33
C ILE A 195 8.00 -2.11 -11.16
N LYS A 196 8.51 -1.61 -12.28
CA LYS A 196 9.56 -0.61 -12.25
C LYS A 196 9.01 0.75 -11.82
N SER A 197 7.76 1.04 -12.19
CA SER A 197 7.13 2.29 -11.80
C SER A 197 6.74 2.16 -10.34
N ASP A 198 6.60 0.91 -9.87
CA ASP A 198 6.27 0.68 -8.46
C ASP A 198 7.51 1.03 -7.65
N VAL A 199 8.67 0.68 -8.20
CA VAL A 199 9.95 0.93 -7.57
C VAL A 199 10.15 2.44 -7.37
N TRP A 200 9.75 3.22 -8.37
CA TRP A 200 9.87 4.67 -8.31
C TRP A 200 8.98 5.16 -7.18
N SER A 201 7.74 4.64 -7.16
CA SER A 201 6.77 5.01 -6.16
C SER A 201 7.28 4.65 -4.76
N PHE A 202 8.06 3.58 -4.70
CA PHE A 202 8.64 3.14 -3.43
C PHE A 202 9.65 4.18 -2.97
N GLY A 203 10.42 4.70 -3.92
CA GLY A 203 11.42 5.69 -3.59
C GLY A 203 10.75 6.83 -2.86
N ILE A 204 9.60 7.25 -3.37
CA ILE A 204 8.83 8.33 -2.79
C ILE A 204 8.28 7.92 -1.43
N LEU A 205 7.75 6.70 -1.35
CA LEU A 205 7.19 6.18 -0.10
C LEU A 205 8.26 6.28 0.99
N LEU A 206 9.51 6.06 0.59
CA LEU A 206 10.65 6.13 1.50
C LEU A 206 10.76 7.54 2.11
N THR A 207 10.43 8.58 1.35
CA THR A 207 10.50 9.94 1.90
C THR A 207 9.39 10.13 2.95
N GLU A 208 8.24 9.53 2.70
CA GLU A 208 7.11 9.61 3.62
C GLU A 208 7.50 8.97 4.95
N ILE A 209 8.17 7.83 4.89
CA ILE A 209 8.60 7.15 6.10
C ILE A 209 9.57 8.01 6.92
N VAL A 210 10.65 8.45 6.31
CA VAL A 210 11.66 9.24 7.01
C VAL A 210 11.20 10.64 7.50
N THR A 211 10.13 11.17 6.92
CA THR A 211 9.61 12.47 7.32
C THR A 211 8.36 12.29 8.17
N HIS A 212 8.13 11.07 8.65
CA HIS A 212 6.96 10.78 9.46
C HIS A 212 5.63 11.19 8.85
N GLY A 213 5.47 10.89 7.57
CA GLY A 213 4.21 11.19 6.89
C GLY A 213 4.08 12.48 6.11
N ARG A 214 5.13 13.28 6.00
CA ARG A 214 5.02 14.54 5.27
C ARG A 214 4.84 14.30 3.76
N ILE A 215 4.07 15.18 3.10
CA ILE A 215 3.85 15.03 1.67
C ILE A 215 5.16 15.23 0.89
N PRO A 216 5.41 14.37 -0.11
CA PRO A 216 6.66 14.50 -0.89
C PRO A 216 6.74 15.83 -1.64
N TYR A 217 7.97 16.25 -1.96
CA TYR A 217 8.21 17.52 -2.66
C TYR A 217 7.48 18.63 -1.90
N PRO A 218 7.94 18.96 -0.68
CA PRO A 218 7.37 20.00 0.19
C PRO A 218 7.20 21.33 -0.54
N GLY A 219 6.01 21.90 -0.44
CA GLY A 219 5.74 23.18 -1.08
C GLY A 219 5.76 23.25 -2.60
N MET A 220 5.80 22.11 -3.28
CA MET A 220 5.81 22.11 -4.75
C MET A 220 4.48 21.62 -5.31
N THR A 221 4.05 22.19 -6.43
CA THR A 221 2.80 21.76 -7.07
C THR A 221 3.16 20.62 -8.00
N ASN A 222 2.16 20.04 -8.66
CA ASN A 222 2.40 18.92 -9.56
C ASN A 222 3.17 19.38 -10.79
N PRO A 223 2.69 20.45 -11.44
CA PRO A 223 3.43 20.90 -12.63
C PRO A 223 4.88 21.24 -12.32
N GLU A 224 5.14 21.73 -11.10
CA GLU A 224 6.51 22.06 -10.70
C GLU A 224 7.33 20.78 -10.63
N VAL A 225 6.78 19.78 -9.93
CA VAL A 225 7.45 18.50 -9.80
C VAL A 225 7.76 17.96 -11.18
N ILE A 226 6.76 18.03 -12.05
CA ILE A 226 6.92 17.54 -13.42
C ILE A 226 8.08 18.21 -14.14
N GLN A 227 8.12 19.54 -14.10
CA GLN A 227 9.20 20.28 -14.76
C GLN A 227 10.56 19.89 -14.17
N ASN A 228 10.63 19.81 -12.85
CA ASN A 228 11.88 19.44 -12.20
C ASN A 228 12.38 18.07 -12.64
N LEU A 229 11.49 17.09 -12.65
CA LEU A 229 11.88 15.74 -13.05
C LEU A 229 12.38 15.69 -14.49
N GLU A 230 11.75 16.47 -15.37
CA GLU A 230 12.18 16.49 -16.77
C GLU A 230 13.59 17.05 -16.93
N ARG A 231 13.97 17.96 -16.05
CA ARG A 231 15.30 18.57 -16.11
C ARG A 231 16.35 17.60 -15.58
N GLY A 232 15.89 16.60 -14.84
CA GLY A 232 16.81 15.65 -14.26
C GLY A 232 16.96 15.86 -12.77
N TYR A 233 16.23 16.82 -12.23
CA TYR A 233 16.27 17.08 -10.79
C TYR A 233 15.42 16.00 -10.12
N ARG A 234 15.78 15.69 -8.88
CA ARG A 234 15.03 14.74 -8.08
C ARG A 234 14.68 15.49 -6.80
N MET A 235 13.82 14.91 -5.97
CA MET A 235 13.40 15.56 -4.74
C MET A 235 14.61 15.93 -3.88
N VAL A 236 14.50 17.08 -3.23
CA VAL A 236 15.55 17.57 -2.34
C VAL A 236 15.63 16.60 -1.15
N ARG A 237 16.84 16.35 -0.65
CA ARG A 237 17.03 15.46 0.51
C ARG A 237 16.03 15.85 1.61
N PRO A 238 15.20 14.91 2.08
CA PRO A 238 14.24 15.27 3.13
C PRO A 238 15.01 15.61 4.41
N ASP A 239 14.41 16.35 5.32
CA ASP A 239 15.10 16.71 6.56
C ASP A 239 15.44 15.51 7.44
N ASN A 240 16.68 15.51 7.94
CA ASN A 240 17.15 14.43 8.81
C ASN A 240 17.24 13.08 8.13
N CYS A 241 17.30 13.05 6.81
CA CYS A 241 17.39 11.78 6.08
C CYS A 241 18.82 11.27 5.89
N PRO A 242 19.08 10.04 6.33
CA PRO A 242 20.40 9.41 6.20
C PRO A 242 20.87 9.46 4.74
N GLU A 243 22.06 9.98 4.50
CA GLU A 243 22.54 10.09 3.13
C GLU A 243 22.50 8.74 2.39
N GLU A 244 22.79 7.67 3.11
CA GLU A 244 22.75 6.33 2.52
C GLU A 244 21.34 6.01 2.04
N LEU A 245 20.35 6.39 2.84
CA LEU A 245 18.96 6.13 2.48
C LEU A 245 18.59 6.95 1.24
N TYR A 246 19.07 8.19 1.21
CA TYR A 246 18.79 9.08 0.09
C TYR A 246 19.36 8.52 -1.20
N GLN A 247 20.57 7.97 -1.15
CA GLN A 247 21.18 7.41 -2.36
C GLN A 247 20.45 6.17 -2.85
N LEU A 248 19.78 5.47 -1.95
CA LEU A 248 19.03 4.29 -2.34
C LEU A 248 17.79 4.79 -3.06
N MET A 249 17.24 5.89 -2.55
CA MET A 249 16.04 6.49 -3.16
C MET A 249 16.38 6.92 -4.57
N ARG A 250 17.59 7.43 -4.75
CA ARG A 250 18.05 7.91 -6.05
C ARG A 250 17.99 6.79 -7.09
N LEU A 251 18.30 5.56 -6.66
CA LEU A 251 18.27 4.41 -7.56
C LEU A 251 16.84 4.14 -8.01
N CYS A 252 15.90 4.35 -7.11
CA CYS A 252 14.50 4.13 -7.45
C CYS A 252 14.04 5.16 -8.49
N TRP A 253 14.68 6.32 -8.49
CA TRP A 253 14.26 7.35 -9.43
C TRP A 253 15.07 7.49 -10.71
N LYS A 254 15.72 6.41 -11.13
CA LYS A 254 16.50 6.45 -12.36
C LYS A 254 15.60 6.65 -13.57
N GLU A 255 16.11 7.40 -14.54
CA GLU A 255 15.41 7.73 -15.77
C GLU A 255 14.80 6.51 -16.47
N ARG A 256 15.64 5.60 -16.94
CA ARG A 256 15.19 4.38 -17.61
C ARG A 256 14.63 3.40 -16.57
N PRO A 257 13.40 2.91 -16.78
CA PRO A 257 12.77 1.96 -15.86
C PRO A 257 13.64 0.75 -15.60
N GLU A 258 14.30 0.26 -16.65
CA GLU A 258 15.14 -0.92 -16.55
C GLU A 258 16.39 -0.75 -15.68
N ASP A 259 16.72 0.49 -15.34
CA ASP A 259 17.89 0.75 -14.53
C ASP A 259 17.60 0.78 -13.04
N ARG A 260 16.32 0.91 -12.68
CA ARG A 260 15.91 0.92 -11.28
C ARG A 260 16.06 -0.51 -10.77
N PRO A 261 16.46 -0.69 -9.50
CA PRO A 261 16.63 -2.03 -8.92
C PRO A 261 15.35 -2.85 -8.73
N THR A 262 15.54 -4.10 -8.31
CA THR A 262 14.43 -5.01 -8.04
C THR A 262 14.12 -4.84 -6.56
N PHE A 263 12.94 -5.27 -6.14
CA PHE A 263 12.58 -5.13 -4.75
C PHE A 263 13.39 -6.02 -3.83
N ASP A 264 13.91 -7.12 -4.36
CA ASP A 264 14.70 -8.03 -3.52
C ASP A 264 16.00 -7.34 -3.14
N TYR A 265 16.55 -6.58 -4.10
CA TYR A 265 17.79 -5.84 -3.88
C TYR A 265 17.53 -4.77 -2.83
N LEU A 266 16.46 -4.01 -3.05
CA LEU A 266 16.06 -2.95 -2.12
C LEU A 266 15.88 -3.51 -0.71
N ARG A 267 15.13 -4.60 -0.59
CA ARG A 267 14.92 -5.22 0.72
C ARG A 267 16.28 -5.60 1.31
N SER A 268 17.14 -6.13 0.44
CA SER A 268 18.46 -6.59 0.86
C SER A 268 19.31 -5.48 1.47
N VAL A 269 19.31 -4.31 0.84
CA VAL A 269 20.08 -3.20 1.33
C VAL A 269 19.46 -2.62 2.59
N LEU A 270 18.15 -2.38 2.57
CA LEU A 270 17.47 -1.83 3.73
C LEU A 270 17.77 -2.69 4.95
N GLU A 271 17.71 -4.01 4.78
CA GLU A 271 17.97 -4.90 5.90
C GLU A 271 19.38 -4.66 6.43
N ASP A 272 20.33 -4.38 5.53
CA ASP A 272 21.70 -4.11 5.99
C ASP A 272 21.78 -2.79 6.73
N PHE A 273 21.09 -1.76 6.24
CA PHE A 273 21.13 -0.49 6.92
C PHE A 273 20.52 -0.72 8.29
N PHE A 274 19.41 -1.45 8.30
CA PHE A 274 18.75 -1.76 9.54
C PHE A 274 19.61 -2.56 10.52
N THR A 275 20.44 -3.48 10.04
CA THR A 275 21.24 -4.26 10.97
C THR A 275 22.51 -3.53 11.40
N ALA A 276 22.78 -2.38 10.76
CA ALA A 276 23.94 -1.54 11.07
C ALA A 276 23.53 -0.42 12.03
N THR A 277 22.24 -0.36 12.37
CA THR A 277 21.72 0.64 13.32
C THR A 277 20.98 -0.09 14.44
C7 AM5 B . -10.71 -5.26 1.02
C9 AM5 B . -9.53 -5.22 0.22
C10 AM5 B . -8.31 -4.54 0.69
C11 AM5 B . -7.01 -4.48 -0.05
N3 AM5 B . -7.19 -4.86 -1.34
C14 AM5 B . -6.17 -5.15 -2.22
C15 AM5 B . -6.52 -5.27 -3.62
C19 AM5 B . -5.54 -5.56 -4.67
C18 AM5 B . -4.18 -5.75 -4.29
C17 AM5 B . -3.81 -5.64 -2.88
C16 AM5 B . -4.80 -5.34 -1.84
C20 AM5 B . -2.40 -5.87 -2.42
F1 AM5 B . -2.49 -6.59 -1.28
F3 AM5 B . -1.92 -4.68 -2.18
F2 AM5 B . -1.57 -6.47 -3.26
C12 AM5 B . -8.24 -3.87 1.93
C13 AM5 B . -9.39 -3.91 2.70
C21 AM5 B . -10.60 -4.58 2.27
C22 AM5 B . -11.78 -4.63 3.15
N1 AM5 B . -7.29 -3.13 8.25
C23 AM5 B . -7.61 -3.75 7.08
C24 AM5 B . -8.41 -3.08 6.07
C25 AM5 B . -8.83 -1.74 6.39
N4 AM5 B . -8.49 -1.19 7.55
C26 AM5 B . -7.72 -1.87 8.49
N6 AM5 B . -8.73 -3.75 4.92
C8 AM5 B . -9.38 -3.20 3.89
O2 AM5 B . -9.98 -2.14 3.91
N7 AM5 B . -7.36 -1.25 9.69
C27 AM5 B . -7.50 2.44 9.31
C28 AM5 B . -7.69 2.73 10.71
C29 AM5 B . -7.77 1.76 11.78
C30 AM5 B . -7.65 0.39 11.44
C5 AM5 B . -7.47 0.06 10.04
C31 AM5 B . -7.40 1.08 9.00
C1 AM5 B . -9.36 5.91 11.06
N2 AM5 B . -8.75 6.30 12.34
C3 AM5 B . -8.21 5.23 13.17
C4 AM5 B . -7.18 4.44 12.39
N5 AM5 B . -7.78 3.99 11.12
C6 AM5 B . -8.49 4.96 10.29
C2 AM5 B . -9.81 6.79 13.20
O1 AM5 B . -5.97 -4.07 0.48
#